data_5WIL
#
_entry.id   5WIL
#
_cell.length_a   57.618
_cell.length_b   60.674
_cell.length_c   90.451
_cell.angle_alpha   90.00
_cell.angle_beta   90.00
_cell.angle_gamma   90.00
#
_symmetry.space_group_name_H-M   'P 21 21 21'
#
loop_
_entity.id
_entity.type
_entity.pdbx_description
1 polymer 'Tyrosine-protein kinase JAK2'
2 non-polymer 5-(3-fluorophenyl)-N-[(3S)-3-piperidyl]-3-ureido-thiophene-2-carboxamide
3 water water
#
_entity_poly.entity_id   1
_entity_poly.type   'polypeptide(L)'
_entity_poly.pdbx_seq_one_letter_code
;VFHKIRNEDLIFNESLGQGTFTKIFKGVRREVGDYGQLHETEVLLKVLDKAHRNYSESFFEAASMMSKLSHKHLVLNYGV
CVCGDENILVQEFVKFGSLDTYLKKNKNCINILWKLEVAKQLAAAMHFLEENTLIHGNVCAKNILLIREEDRKTGNPPFI
KLSDPGISITVLPKDILQERIPWVPPECIENPKNLNLATDKWSFGTTLWEICSGGDKPLSALDSQRKLQFYEDRHQLPAP
KAAELANLINNCMDYEPDHRPSFRAIIRDLNSLFTPD
;
_entity_poly.pdbx_strand_id   A
#
# COMPACT_ATOMS: atom_id res chain seq x y z
N VAL A 1 -21.89 5.80 7.18
CA VAL A 1 -20.76 5.14 7.83
C VAL A 1 -19.54 6.07 7.81
N PHE A 2 -19.49 6.94 6.82
CA PHE A 2 -18.39 7.88 6.68
C PHE A 2 -18.79 9.24 7.23
N HIS A 3 -17.88 9.84 7.99
CA HIS A 3 -18.06 11.22 8.42
C HIS A 3 -18.11 12.16 7.22
N LYS A 4 -18.97 13.17 7.31
CA LYS A 4 -19.31 14.03 6.18
C LYS A 4 -18.60 15.36 6.33
N ILE A 5 -17.86 15.76 5.29
CA ILE A 5 -17.10 17.00 5.30
C ILE A 5 -17.60 17.87 4.15
N ARG A 6 -17.88 19.13 4.44
CA ARG A 6 -18.47 20.04 3.45
C ARG A 6 -17.38 20.55 2.52
N ASN A 7 -17.72 20.70 1.24
CA ASN A 7 -16.71 21.14 0.28
C ASN A 7 -16.15 22.51 0.64
N GLU A 8 -16.93 23.38 1.32
CA GLU A 8 -16.39 24.69 1.63
C GLU A 8 -15.39 24.67 2.76
N ASP A 9 -15.25 23.53 3.46
CA ASP A 9 -14.19 23.38 4.43
C ASP A 9 -12.94 22.81 3.83
N LEU A 10 -12.88 22.67 2.50
CA LEU A 10 -11.81 21.95 1.82
C LEU A 10 -11.28 22.75 0.65
N ILE A 11 -9.97 23.00 0.66
CA ILE A 11 -9.25 23.59 -0.45
C ILE A 11 -8.44 22.49 -1.14
N PHE A 12 -8.60 22.37 -2.43
CA PHE A 12 -7.83 21.48 -3.25
C PHE A 12 -6.61 22.17 -3.78
N ASN A 13 -5.44 21.69 -3.50
CA ASN A 13 -4.21 22.26 -3.96
C ASN A 13 -3.46 21.24 -4.92
N GLU A 14 -2.14 21.29 -4.93
CA GLU A 14 -1.29 20.49 -5.81
C GLU A 14 -1.78 19.06 -6.10
N SER A 15 -1.37 18.53 -7.25
CA SER A 15 -1.69 17.17 -7.65
C SER A 15 -0.53 16.34 -7.12
N LEU A 16 -0.83 15.25 -6.46
CA LEU A 16 0.22 14.44 -5.86
C LEU A 16 0.45 13.12 -6.60
N GLY A 17 -0.36 12.84 -7.62
CA GLY A 17 -0.16 11.72 -8.50
C GLY A 17 -1.53 11.21 -8.86
N GLN A 18 -1.59 9.91 -9.20
CA GLN A 18 -2.83 9.22 -9.51
C GLN A 18 -2.70 7.75 -9.13
N GLY A 19 -3.84 7.15 -8.79
CA GLY A 19 -3.97 5.71 -8.65
C GLY A 19 -4.86 5.16 -9.73
N THR A 20 -5.21 3.88 -9.60
CA THR A 20 -6.02 3.25 -10.63
C THR A 20 -7.41 3.86 -10.59
N PHE A 21 -7.70 4.71 -11.59
CA PHE A 21 -8.97 5.38 -11.80
C PHE A 21 -9.22 6.49 -10.78
N THR A 22 -8.15 7.07 -10.24
CA THR A 22 -8.23 8.05 -9.18
C THR A 22 -7.17 9.12 -9.40
N LYS A 23 -7.44 10.29 -8.81
CA LYS A 23 -6.52 11.42 -8.75
C LYS A 23 -6.38 11.78 -7.29
N ILE A 24 -5.17 12.16 -6.86
CA ILE A 24 -4.91 12.51 -5.48
C ILE A 24 -4.22 13.85 -5.48
N PHE A 25 -4.62 14.67 -4.49
CA PHE A 25 -4.27 16.08 -4.34
C PHE A 25 -3.90 16.37 -2.89
N LYS A 26 -2.91 17.23 -2.70
CA LYS A 26 -2.74 17.90 -1.42
C LYS A 26 -3.86 18.91 -1.23
N GLY A 27 -4.45 18.91 -0.03
CA GLY A 27 -5.56 19.79 0.28
C GLY A 27 -5.40 20.39 1.65
N VAL A 28 -6.34 21.29 1.99
CA VAL A 28 -6.38 21.90 3.31
C VAL A 28 -7.81 21.84 3.82
N ARG A 29 -7.96 21.46 5.08
CA ARG A 29 -9.25 21.31 5.72
C ARG A 29 -9.30 22.26 6.90
N ARG A 30 -10.31 23.12 6.94
CA ARG A 30 -10.49 24.02 8.08
C ARG A 30 -11.46 23.28 9.00
N GLU A 31 -11.10 23.10 10.26
CA GLU A 31 -11.99 22.33 11.14
C GLU A 31 -11.85 22.88 12.55
N VAL A 32 -12.80 22.50 13.38
CA VAL A 32 -12.74 22.75 14.81
C VAL A 32 -12.16 21.50 15.45
N GLY A 33 -11.05 21.66 16.18
CA GLY A 33 -10.38 20.58 16.82
C GLY A 33 -10.56 20.57 18.32
N ASP A 34 -9.61 19.92 19.00
CA ASP A 34 -9.73 19.76 20.44
C ASP A 34 -9.85 21.13 21.06
N TYR A 35 -10.62 21.23 22.12
CA TYR A 35 -10.71 22.46 22.89
C TYR A 35 -11.36 23.59 22.11
N GLY A 36 -12.10 23.29 21.05
CA GLY A 36 -12.75 24.33 20.27
C GLY A 36 -11.83 25.12 19.35
N GLN A 37 -10.54 24.80 19.27
CA GLN A 37 -9.64 25.64 18.49
C GLN A 37 -9.79 25.38 16.99
N LEU A 38 -9.80 26.47 16.21
CA LEU A 38 -9.78 26.39 14.75
C LEU A 38 -8.43 25.96 14.23
N HIS A 39 -8.46 25.08 13.23
CA HIS A 39 -7.26 24.52 12.61
C HIS A 39 -7.38 24.55 11.11
N GLU A 40 -6.21 24.69 10.46
CA GLU A 40 -6.02 24.45 9.03
C GLU A 40 -5.24 23.14 8.92
N THR A 41 -5.93 22.06 8.54
CA THR A 41 -5.35 20.72 8.50
C THR A 41 -4.95 20.35 7.06
N GLU A 42 -3.69 20.01 6.87
CA GLU A 42 -3.28 19.38 5.61
C GLU A 42 -3.97 18.04 5.49
N VAL A 43 -4.51 17.79 4.31
CA VAL A 43 -5.20 16.55 4.05
C VAL A 43 -4.74 16.01 2.71
N LEU A 44 -5.05 14.74 2.50
CA LEU A 44 -5.00 14.11 1.21
C LEU A 44 -6.41 14.03 0.68
N LEU A 45 -6.62 14.53 -0.52
CA LEU A 45 -7.91 14.46 -1.17
C LEU A 45 -7.77 13.52 -2.36
N LYS A 46 -8.63 12.48 -2.40
CA LYS A 46 -8.56 11.39 -3.35
C LYS A 46 -9.87 11.32 -4.10
N VAL A 47 -9.80 11.54 -5.42
CA VAL A 47 -10.98 11.72 -6.26
C VAL A 47 -11.05 10.59 -7.26
N LEU A 48 -12.17 9.89 -7.25
CA LEU A 48 -12.43 8.86 -8.24
C LEU A 48 -12.76 9.49 -9.60
N ASP A 49 -12.00 9.11 -10.63
CA ASP A 49 -12.25 9.57 -11.99
C ASP A 49 -13.74 9.49 -12.28
N LYS A 50 -14.33 10.58 -12.76
CA LYS A 50 -15.78 10.55 -12.98
C LYS A 50 -16.12 9.62 -14.13
N ALA A 51 -15.20 9.42 -15.07
CA ALA A 51 -15.41 8.41 -16.08
C ALA A 51 -15.61 7.02 -15.47
N HIS A 52 -15.22 6.81 -14.21
CA HIS A 52 -15.24 5.49 -13.61
C HIS A 52 -16.00 5.51 -12.32
N ARG A 53 -17.07 6.23 -12.27
CA ARG A 53 -17.81 6.27 -11.05
C ARG A 53 -18.59 5.02 -10.78
N ASN A 54 -18.56 4.05 -11.68
CA ASN A 54 -19.26 2.80 -11.47
C ASN A 54 -18.53 1.93 -10.46
N TYR A 55 -17.26 2.22 -10.20
CA TYR A 55 -16.49 1.56 -9.16
C TYR A 55 -16.59 2.25 -7.81
N SER A 56 -17.56 3.16 -7.63
CA SER A 56 -17.56 3.99 -6.42
C SER A 56 -17.73 3.14 -5.15
N GLU A 57 -18.59 2.12 -5.19
CA GLU A 57 -18.79 1.30 -3.99
C GLU A 57 -17.49 0.59 -3.57
N SER A 58 -16.72 0.10 -4.55
CA SER A 58 -15.41 -0.48 -4.24
C SER A 58 -14.45 0.57 -3.72
N PHE A 59 -14.41 1.73 -4.38
CA PHE A 59 -13.67 2.90 -3.92
C PHE A 59 -13.86 3.16 -2.43
N PHE A 60 -15.10 3.20 -1.98
CA PHE A 60 -15.37 3.60 -0.60
C PHE A 60 -15.27 2.43 0.35
N GLU A 61 -15.47 1.21 -0.16
CA GLU A 61 -15.31 0.03 0.68
C GLU A 61 -13.85 -0.14 1.07
N ALA A 62 -12.94 0.01 0.11
CA ALA A 62 -11.53 -0.16 0.43
C ALA A 62 -11.10 0.81 1.53
N ALA A 63 -11.76 1.96 1.63
CA ALA A 63 -11.41 2.96 2.65
C ALA A 63 -11.99 2.57 3.99
N SER A 64 -13.29 2.25 4.04
CA SER A 64 -13.86 1.87 5.32
C SER A 64 -13.15 0.66 5.90
N MET A 65 -12.51 -0.15 5.04
CA MET A 65 -11.62 -1.22 5.50
C MET A 65 -10.60 -0.69 6.50
N MET A 66 -9.78 0.29 6.09
CA MET A 66 -8.77 0.88 6.97
C MET A 66 -9.35 1.58 8.20
N SER A 67 -10.64 1.90 8.24
CA SER A 67 -11.18 2.55 9.45
C SER A 67 -12.13 1.67 10.26
N LYS A 68 -12.44 0.43 9.84
CA LYS A 68 -12.96 -0.58 10.77
C LYS A 68 -12.09 -0.67 12.02
N LEU A 69 -10.79 -0.74 11.80
CA LEU A 69 -9.77 -0.93 12.82
C LEU A 69 -8.97 0.34 12.98
N SER A 70 -8.32 0.46 14.12
CA SER A 70 -7.43 1.57 14.44
C SER A 70 -6.08 0.95 14.73
N HIS A 71 -5.05 1.41 14.04
CA HIS A 71 -3.71 0.90 14.24
C HIS A 71 -2.72 1.97 13.85
N LYS A 72 -1.57 1.96 14.53
CA LYS A 72 -0.56 2.98 14.34
C LYS A 72 0.03 2.98 12.91
N HIS A 73 -0.06 1.86 12.20
CA HIS A 73 0.50 1.72 10.85
C HIS A 73 -0.55 1.80 9.76
N LEU A 74 -1.79 2.18 10.07
CA LEU A 74 -2.85 2.32 9.08
C LEU A 74 -3.18 3.80 8.88
N VAL A 75 -3.19 4.25 7.62
CA VAL A 75 -3.45 5.66 7.37
C VAL A 75 -4.86 6.00 7.80
N LEU A 76 -5.00 7.11 8.52
CA LEU A 76 -6.31 7.55 8.98
C LEU A 76 -7.16 8.10 7.86
N ASN A 77 -8.45 7.78 7.90
CA ASN A 77 -9.45 8.35 7.01
C ASN A 77 -10.30 9.34 7.81
N TYR A 78 -10.45 10.58 7.30
CA TYR A 78 -11.21 11.64 7.97
C TYR A 78 -12.67 11.73 7.53
N GLY A 79 -12.98 11.36 6.30
CA GLY A 79 -14.35 11.26 5.88
C GLY A 79 -14.44 11.33 4.37
N VAL A 80 -15.64 11.70 3.92
CA VAL A 80 -15.95 11.88 2.51
C VAL A 80 -16.42 13.31 2.34
N CYS A 81 -16.00 13.95 1.27
CA CYS A 81 -16.44 15.29 0.97
C CYS A 81 -17.81 15.19 0.30
N VAL A 82 -18.74 16.01 0.77
CA VAL A 82 -20.11 16.00 0.28
C VAL A 82 -20.19 17.15 -0.73
N CYS A 83 -20.10 16.81 -2.02
CA CYS A 83 -20.15 17.85 -3.06
C CYS A 83 -20.70 17.28 -4.37
N GLY A 84 -22.01 17.12 -4.39
CA GLY A 84 -22.72 16.95 -5.65
C GLY A 84 -22.37 15.66 -6.33
N ASP A 85 -21.90 15.82 -7.55
CA ASP A 85 -21.69 14.70 -8.47
C ASP A 85 -20.35 14.00 -8.23
N GLU A 86 -19.84 13.92 -7.01
CA GLU A 86 -18.44 13.53 -6.90
C GLU A 86 -18.16 12.61 -5.72
N ASN A 87 -17.04 11.89 -5.86
CA ASN A 87 -16.60 10.83 -4.96
C ASN A 87 -15.22 11.18 -4.42
N ILE A 88 -15.14 11.69 -3.19
CA ILE A 88 -13.90 12.27 -2.68
C ILE A 88 -13.66 11.76 -1.27
N LEU A 89 -12.52 11.08 -1.09
CA LEU A 89 -12.08 10.65 0.22
C LEU A 89 -11.11 11.67 0.76
N VAL A 90 -11.18 11.86 2.07
CA VAL A 90 -10.37 12.81 2.81
C VAL A 90 -9.59 12.00 3.83
N GLN A 91 -8.28 12.06 3.74
CA GLN A 91 -7.39 11.20 4.48
C GLN A 91 -6.26 12.01 5.09
N GLU A 92 -5.69 11.45 6.14
CA GLU A 92 -4.40 11.88 6.67
C GLU A 92 -3.44 12.17 5.53
N PHE A 93 -2.69 13.27 5.66
CA PHE A 93 -1.66 13.61 4.68
C PHE A 93 -0.30 13.19 5.24
N VAL A 94 0.42 12.37 4.48
CA VAL A 94 1.72 11.88 4.89
C VAL A 94 2.79 12.64 4.16
N LYS A 95 3.67 13.26 4.95
CA LYS A 95 4.49 14.35 4.46
C LYS A 95 5.52 13.88 3.44
N PHE A 96 6.12 12.70 3.66
CA PHE A 96 7.25 12.30 2.83
C PHE A 96 6.83 11.36 1.71
N GLY A 97 5.54 11.12 1.57
CA GLY A 97 5.04 10.44 0.39
C GLY A 97 5.17 8.92 0.38
N SER A 98 5.25 8.40 -0.84
CA SER A 98 5.27 6.97 -1.14
C SER A 98 6.66 6.38 -0.94
N LEU A 99 6.68 5.14 -0.44
CA LEU A 99 7.94 4.41 -0.26
C LEU A 99 8.66 4.15 -1.60
N ASP A 100 7.93 3.84 -2.68
CA ASP A 100 8.63 3.56 -3.92
C ASP A 100 9.36 4.80 -4.41
N THR A 101 8.67 5.94 -4.41
CA THR A 101 9.36 7.19 -4.70
C THR A 101 10.59 7.36 -3.82
N TYR A 102 10.44 7.18 -2.50
CA TYR A 102 11.52 7.46 -1.57
C TYR A 102 12.67 6.50 -1.73
N LEU A 103 12.40 5.26 -2.17
CA LEU A 103 13.44 4.26 -2.43
C LEU A 103 14.24 4.62 -3.68
N LYS A 104 13.58 5.03 -4.74
CA LYS A 104 14.28 5.44 -5.94
C LYS A 104 15.14 6.61 -5.64
N LYS A 105 14.56 7.68 -5.13
CA LYS A 105 15.35 8.84 -4.81
C LYS A 105 16.43 8.63 -3.80
N ASN A 106 16.27 7.76 -2.84
CA ASN A 106 17.35 7.58 -1.92
C ASN A 106 18.00 6.25 -2.05
N LYS A 107 18.00 5.66 -3.22
CA LYS A 107 18.58 4.34 -3.33
C LYS A 107 19.94 4.24 -2.65
N ASN A 108 20.80 5.19 -2.89
CA ASN A 108 22.13 5.13 -2.34
C ASN A 108 22.14 5.22 -0.88
N CYS A 109 21.53 6.23 -0.32
CA CYS A 109 21.55 6.39 1.13
C CYS A 109 20.94 5.27 2.02
N ILE A 110 20.10 4.39 1.54
CA ILE A 110 19.49 3.29 2.35
C ILE A 110 20.34 2.06 2.65
N ASN A 111 20.42 1.61 3.89
CA ASN A 111 21.19 0.41 4.16
C ASN A 111 20.32 -0.73 4.61
N ILE A 112 20.91 -1.88 4.84
CA ILE A 112 20.13 -3.07 5.19
C ILE A 112 19.25 -2.84 6.43
N LEU A 113 19.69 -1.99 7.39
CA LEU A 113 18.97 -1.84 8.66
C LEU A 113 17.75 -0.91 8.56
N TRP A 114 17.69 -0.11 7.51
CA TRP A 114 16.53 0.71 7.18
C TRP A 114 15.47 -0.13 6.47
N LYS A 115 15.90 -0.98 5.52
CA LYS A 115 14.97 -1.93 4.89
C LYS A 115 14.32 -2.76 5.97
N LEU A 116 15.15 -3.34 6.81
CA LEU A 116 14.71 -4.25 7.84
C LEU A 116 13.73 -3.54 8.77
N GLU A 117 14.03 -2.29 9.14
CA GLU A 117 13.12 -1.55 10.00
C GLU A 117 11.76 -1.40 9.35
N VAL A 118 11.75 -0.88 8.13
CA VAL A 118 10.52 -0.68 7.36
C VAL A 118 9.82 -2.00 7.13
N ALA A 119 10.58 -3.00 6.70
CA ALA A 119 9.98 -4.32 6.49
C ALA A 119 9.29 -4.81 7.75
N LYS A 120 9.92 -4.63 8.91
CA LYS A 120 9.30 -5.04 10.19
C LYS A 120 8.01 -4.28 10.46
N GLN A 121 8.01 -2.97 10.28
CA GLN A 121 6.79 -2.21 10.54
C GLN A 121 5.67 -2.70 9.64
N LEU A 122 5.99 -2.95 8.36
CA LEU A 122 5.01 -3.48 7.42
C LEU A 122 4.51 -4.83 7.87
N ALA A 123 5.41 -5.72 8.26
CA ALA A 123 4.97 -7.03 8.74
C ALA A 123 4.11 -6.89 9.99
N ALA A 124 4.43 -5.94 10.87
CA ALA A 124 3.57 -5.74 12.04
C ALA A 124 2.17 -5.29 11.63
N ALA A 125 2.07 -4.45 10.58
CA ALA A 125 0.77 -4.03 10.08
C ALA A 125 0.00 -5.20 9.49
N MET A 126 0.69 -6.02 8.70
CA MET A 126 0.04 -7.16 8.07
C MET A 126 -0.36 -8.21 9.10
N HIS A 127 0.52 -8.47 10.06
CA HIS A 127 0.18 -9.31 11.21
C HIS A 127 -1.12 -8.83 11.86
N PHE A 128 -1.28 -7.53 12.04
CA PHE A 128 -2.49 -7.01 12.69
C PHE A 128 -3.72 -7.23 11.83
N LEU A 129 -3.62 -7.02 10.53
CA LEU A 129 -4.72 -7.37 9.64
C LEU A 129 -5.00 -8.86 9.68
N GLU A 130 -3.94 -9.67 9.74
CA GLU A 130 -4.06 -11.12 9.77
C GLU A 130 -4.94 -11.57 10.94
N GLU A 131 -4.58 -11.15 12.16
CA GLU A 131 -5.33 -11.49 13.33
C GLU A 131 -6.78 -11.08 13.24
N ASN A 132 -7.09 -10.04 12.53
CA ASN A 132 -8.45 -9.58 12.37
C ASN A 132 -9.14 -10.22 11.18
N THR A 133 -8.47 -11.18 10.51
CA THR A 133 -8.97 -11.83 9.29
C THR A 133 -9.47 -10.80 8.29
N LEU A 134 -8.64 -9.79 8.05
CA LEU A 134 -8.98 -8.71 7.13
C LEU A 134 -8.01 -8.67 5.93
N ILE A 135 -8.54 -8.77 4.73
CA ILE A 135 -7.71 -8.74 3.53
C ILE A 135 -7.48 -7.31 3.07
N HIS A 136 -6.22 -6.97 2.77
CA HIS A 136 -5.89 -5.66 2.25
C HIS A 136 -6.03 -5.65 0.73
N GLY A 137 -5.32 -6.57 0.06
CA GLY A 137 -5.53 -6.84 -1.34
C GLY A 137 -4.61 -6.09 -2.28
N ASN A 138 -3.77 -5.21 -1.79
CA ASN A 138 -2.97 -4.39 -2.68
C ASN A 138 -1.74 -3.84 -1.96
N VAL A 139 -0.98 -4.74 -1.36
CA VAL A 139 0.28 -4.37 -0.73
C VAL A 139 1.30 -4.15 -1.84
N CYS A 140 2.05 -3.04 -1.72
CA CYS A 140 3.06 -2.62 -2.68
C CYS A 140 3.73 -1.37 -2.11
N ALA A 141 4.94 -1.10 -2.59
CA ALA A 141 5.68 0.02 -2.02
C ALA A 141 5.02 1.37 -2.32
N LYS A 142 4.22 1.47 -3.31
CA LYS A 142 3.64 2.70 -3.56
C LYS A 142 2.51 2.95 -2.60
N ASN A 143 2.00 1.91 -2.00
CA ASN A 143 0.93 2.02 -1.03
C ASN A 143 1.46 2.08 0.39
N ILE A 144 2.75 2.30 0.57
CA ILE A 144 3.35 2.53 1.87
C ILE A 144 3.80 3.98 1.96
N LEU A 145 3.38 4.67 3.00
CA LEU A 145 3.67 6.09 3.13
C LEU A 145 4.60 6.33 4.31
N LEU A 146 5.55 7.23 4.10
CA LEU A 146 6.58 7.53 5.07
C LEU A 146 6.12 8.73 5.91
N ILE A 147 5.68 8.40 7.13
CA ILE A 147 5.32 9.40 8.14
C ILE A 147 6.52 10.22 8.53
N ARG A 148 7.64 9.54 8.79
CA ARG A 148 8.84 10.27 9.14
C ARG A 148 10.07 9.53 8.65
N GLU A 149 11.11 10.31 8.43
CA GLU A 149 12.40 9.84 7.97
C GLU A 149 13.26 9.45 9.14
N GLU A 150 14.23 8.59 8.86
CA GLU A 150 15.23 8.28 9.88
C GLU A 150 15.90 9.57 10.32
N ASP A 151 16.21 9.64 11.61
CA ASP A 151 16.91 10.76 12.20
C ASP A 151 18.31 10.32 12.60
N ARG A 152 19.32 10.88 11.95
CA ARG A 152 20.69 10.49 12.23
C ARG A 152 21.24 11.06 13.52
N LYS A 153 20.49 11.87 14.25
CA LYS A 153 20.96 12.23 15.59
C LYS A 153 20.32 11.30 16.61
N THR A 154 19.02 11.49 16.89
CA THR A 154 18.36 10.66 17.87
C THR A 154 18.49 9.17 17.54
N GLY A 155 19.01 8.82 16.35
CA GLY A 155 19.09 7.44 15.91
C GLY A 155 17.75 6.84 15.59
N ASN A 156 16.72 7.68 15.47
CA ASN A 156 15.34 7.23 15.44
C ASN A 156 15.00 6.67 14.06
N PRO A 157 14.29 5.55 14.01
CA PRO A 157 14.01 4.94 12.75
C PRO A 157 12.91 5.68 12.01
N PRO A 158 12.81 5.46 10.70
CA PRO A 158 11.63 5.94 9.96
C PRO A 158 10.38 5.33 10.57
N PHE A 159 9.24 5.81 10.11
CA PHE A 159 7.97 5.26 10.53
C PHE A 159 7.06 5.33 9.32
N ILE A 160 6.45 4.20 8.98
CA ILE A 160 5.65 4.11 7.78
C ILE A 160 4.22 3.79 8.16
N LYS A 161 3.34 4.04 7.23
CA LYS A 161 1.94 3.65 7.37
C LYS A 161 1.49 3.02 6.08
N LEU A 162 0.48 2.18 6.19
CA LEU A 162 -0.09 1.48 5.06
C LEU A 162 -1.31 2.23 4.56
N SER A 163 -1.35 2.47 3.26
CA SER A 163 -2.44 3.17 2.57
C SER A 163 -3.55 2.16 2.26
N ASP A 164 -4.75 2.67 1.97
CA ASP A 164 -5.86 1.77 1.63
C ASP A 164 -5.63 1.18 0.25
N PRO A 165 -6.34 0.10 -0.09
CA PRO A 165 -5.94 -0.70 -1.25
C PRO A 165 -6.52 -0.23 -2.57
N GLY A 166 -7.36 0.79 -2.56
CA GLY A 166 -8.02 1.23 -3.76
C GLY A 166 -9.14 0.30 -4.18
N ILE A 167 -9.61 0.52 -5.40
CA ILE A 167 -10.62 -0.35 -5.99
C ILE A 167 -10.10 -1.77 -6.02
N SER A 168 -10.94 -2.71 -5.62
CA SER A 168 -10.54 -4.10 -5.37
C SER A 168 -10.27 -4.88 -6.65
N ILE A 169 -9.27 -5.75 -6.61
CA ILE A 169 -8.98 -6.58 -7.78
C ILE A 169 -10.09 -7.58 -8.09
N THR A 170 -11.09 -7.72 -7.24
CA THR A 170 -12.21 -8.61 -7.58
C THR A 170 -13.12 -8.00 -8.63
N VAL A 171 -13.10 -6.68 -8.76
CA VAL A 171 -13.94 -5.98 -9.74
C VAL A 171 -13.13 -5.33 -10.83
N LEU A 172 -11.83 -5.15 -10.64
CA LEU A 172 -11.06 -4.47 -11.65
C LEU A 172 -11.05 -5.29 -12.93
N PRO A 173 -10.87 -4.65 -14.09
CA PRO A 173 -10.81 -5.39 -15.35
C PRO A 173 -9.48 -6.11 -15.50
N LYS A 174 -9.53 -7.27 -16.15
CA LYS A 174 -8.42 -8.20 -16.30
C LYS A 174 -7.08 -7.58 -16.69
N ASP A 175 -7.04 -6.59 -17.60
CA ASP A 175 -5.70 -6.10 -17.97
C ASP A 175 -5.10 -5.20 -16.89
N ILE A 176 -5.91 -4.64 -15.99
CA ILE A 176 -5.31 -3.98 -14.84
C ILE A 176 -4.61 -5.01 -13.95
N LEU A 177 -5.30 -6.09 -13.59
CA LEU A 177 -4.67 -7.14 -12.80
C LEU A 177 -3.39 -7.67 -13.43
N GLN A 178 -3.40 -7.94 -14.75
CA GLN A 178 -2.21 -8.53 -15.35
C GLN A 178 -1.04 -7.56 -15.34
N GLU A 179 -1.29 -6.26 -15.41
CA GLU A 179 -0.18 -5.31 -15.33
C GLU A 179 0.33 -5.16 -13.90
N ARG A 180 -0.47 -5.55 -12.92
CA ARG A 180 -0.06 -5.61 -11.52
C ARG A 180 0.65 -6.95 -11.17
N ILE A 181 1.00 -7.78 -12.15
CA ILE A 181 1.94 -8.88 -11.89
C ILE A 181 3.33 -8.30 -11.68
N PRO A 182 4.10 -8.79 -10.70
CA PRO A 182 3.87 -9.88 -9.76
C PRO A 182 3.40 -9.50 -8.32
N TRP A 183 2.75 -8.35 -8.13
CA TRP A 183 2.10 -8.05 -6.85
C TRP A 183 0.82 -8.86 -6.68
N VAL A 184 0.09 -9.07 -7.77
CA VAL A 184 -1.09 -9.94 -7.73
C VAL A 184 -0.63 -11.39 -7.81
N PRO A 185 -1.13 -12.28 -6.94
CA PRO A 185 -0.66 -13.67 -6.93
C PRO A 185 -1.14 -14.45 -8.13
N PRO A 186 -0.52 -15.60 -8.39
CA PRO A 186 -1.01 -16.46 -9.48
C PRO A 186 -2.45 -16.89 -9.30
N GLU A 187 -2.85 -17.32 -8.11
CA GLU A 187 -4.21 -17.80 -7.96
C GLU A 187 -5.24 -16.72 -8.30
N CYS A 188 -4.90 -15.43 -8.14
CA CYS A 188 -5.86 -14.36 -8.41
C CYS A 188 -5.88 -13.94 -9.87
N ILE A 189 -4.76 -14.11 -10.56
CA ILE A 189 -4.74 -14.00 -12.02
C ILE A 189 -5.65 -15.04 -12.62
N GLU A 190 -5.61 -16.27 -12.10
CA GLU A 190 -6.48 -17.35 -12.57
C GLU A 190 -7.93 -17.07 -12.22
N ASN A 191 -8.18 -16.50 -11.07
CA ASN A 191 -9.55 -16.21 -10.70
C ASN A 191 -9.59 -15.21 -9.54
N PRO A 192 -9.94 -13.95 -9.79
CA PRO A 192 -9.93 -12.95 -8.71
C PRO A 192 -10.78 -13.31 -7.51
N LYS A 193 -11.78 -14.19 -7.68
CA LYS A 193 -12.52 -14.76 -6.54
C LYS A 193 -11.59 -15.44 -5.52
N ASN A 194 -10.37 -15.82 -5.93
CA ASN A 194 -9.41 -16.45 -5.03
C ASN A 194 -8.76 -15.48 -4.06
N LEU A 195 -9.34 -14.28 -3.88
CA LEU A 195 -8.77 -13.34 -2.92
C LEU A 195 -8.86 -13.92 -1.51
N ASN A 196 -7.73 -13.97 -0.83
CA ASN A 196 -7.61 -14.61 0.48
C ASN A 196 -6.59 -13.83 1.30
N LEU A 197 -6.47 -14.19 2.57
CA LEU A 197 -5.38 -13.67 3.38
C LEU A 197 -4.01 -14.04 2.79
N ALA A 198 -3.89 -15.24 2.22
CA ALA A 198 -2.63 -15.62 1.59
C ALA A 198 -2.25 -14.74 0.41
N THR A 199 -3.22 -14.04 -0.21
CA THR A 199 -2.90 -12.98 -1.15
C THR A 199 -1.84 -12.03 -0.61
N ASP A 200 -2.04 -11.54 0.62
CA ASP A 200 -1.19 -10.48 1.15
C ASP A 200 0.20 -10.99 1.49
N LYS A 201 0.36 -12.29 1.74
CA LYS A 201 1.70 -12.81 1.96
C LYS A 201 2.52 -12.74 0.68
N TRP A 202 1.94 -13.10 -0.45
CA TRP A 202 2.65 -13.02 -1.71
C TRP A 202 3.08 -11.57 -1.99
N SER A 203 2.11 -10.65 -1.99
CA SER A 203 2.35 -9.24 -2.28
C SER A 203 3.38 -8.64 -1.35
N PHE A 204 3.33 -9.03 -0.07
CA PHE A 204 4.34 -8.64 0.89
C PHE A 204 5.71 -9.06 0.42
N GLY A 205 5.83 -10.29 -0.07
CA GLY A 205 7.10 -10.73 -0.62
C GLY A 205 7.53 -9.87 -1.80
N THR A 206 6.59 -9.54 -2.66
CA THR A 206 6.93 -8.61 -3.76
C THR A 206 7.36 -7.27 -3.21
N THR A 207 6.67 -6.76 -2.18
CA THR A 207 7.01 -5.47 -1.64
C THR A 207 8.40 -5.49 -1.00
N LEU A 208 8.74 -6.56 -0.26
CA LEU A 208 10.11 -6.72 0.23
C LEU A 208 11.11 -6.69 -0.91
N TRP A 209 10.82 -7.36 -2.01
CA TRP A 209 11.72 -7.25 -3.18
C TRP A 209 11.88 -5.78 -3.58
N GLU A 210 10.78 -5.04 -3.67
CA GLU A 210 10.87 -3.61 -4.02
C GLU A 210 11.78 -2.88 -3.06
N ILE A 211 11.67 -3.21 -1.77
CA ILE A 211 12.38 -2.48 -0.74
C ILE A 211 13.87 -2.77 -0.83
N CYS A 212 14.24 -3.97 -1.23
CA CYS A 212 15.65 -4.36 -1.38
C CYS A 212 16.26 -3.99 -2.72
N SER A 213 15.49 -3.40 -3.63
CA SER A 213 15.93 -3.12 -4.99
C SER A 213 15.94 -1.63 -5.33
N GLY A 214 15.75 -0.74 -4.35
CA GLY A 214 15.93 0.68 -4.62
C GLY A 214 15.06 1.24 -5.75
N GLY A 215 13.75 1.01 -5.65
CA GLY A 215 12.81 1.59 -6.57
C GLY A 215 12.60 0.82 -7.86
N ASP A 216 13.48 -0.13 -8.20
CA ASP A 216 13.19 -1.04 -9.31
C ASP A 216 11.84 -1.69 -9.11
N LYS A 217 11.03 -1.72 -10.21
CA LYS A 217 9.78 -2.47 -10.21
C LYS A 217 10.03 -3.84 -10.80
N PRO A 218 9.60 -4.91 -10.13
CA PRO A 218 9.91 -6.25 -10.63
C PRO A 218 9.14 -6.54 -11.91
N LEU A 219 9.84 -7.19 -12.84
CA LEU A 219 9.30 -7.58 -14.14
C LEU A 219 8.87 -6.39 -14.98
N SER A 220 9.48 -5.22 -14.79
CA SER A 220 8.97 -4.04 -15.49
C SER A 220 9.23 -4.12 -16.99
N ALA A 221 10.38 -4.68 -17.40
CA ALA A 221 10.69 -4.89 -18.83
C ALA A 221 9.74 -5.86 -19.52
N LEU A 222 8.87 -6.51 -18.76
CA LEU A 222 8.03 -7.57 -19.29
C LEU A 222 6.67 -6.99 -19.58
N ASP A 223 6.21 -7.15 -20.81
CA ASP A 223 4.85 -6.73 -21.11
C ASP A 223 3.83 -7.69 -20.48
N SER A 224 2.56 -7.35 -20.69
CA SER A 224 1.48 -8.08 -20.02
C SER A 224 1.57 -9.57 -20.34
N GLN A 225 1.58 -9.92 -21.63
CA GLN A 225 1.48 -11.33 -22.00
C GLN A 225 2.67 -12.12 -21.45
N ARG A 226 3.84 -11.51 -21.41
CA ARG A 226 5.00 -12.12 -20.76
C ARG A 226 4.85 -12.19 -19.25
N LYS A 227 4.27 -11.18 -18.61
CA LYS A 227 3.98 -11.34 -17.20
C LYS A 227 3.15 -12.60 -16.96
N LEU A 228 2.11 -12.80 -17.79
CA LEU A 228 1.26 -13.99 -17.62
C LEU A 228 2.06 -15.26 -17.74
N GLN A 229 2.96 -15.28 -18.72
CA GLN A 229 3.76 -16.46 -19.00
C GLN A 229 4.81 -16.68 -17.92
N PHE A 230 5.20 -15.62 -17.21
CA PHE A 230 6.10 -15.75 -16.08
C PHE A 230 5.47 -16.63 -15.02
N TYR A 231 4.16 -16.48 -14.83
CA TYR A 231 3.38 -17.26 -13.87
C TYR A 231 3.09 -18.66 -14.38
N GLU A 232 3.00 -18.85 -15.69
CA GLU A 232 2.84 -20.19 -16.27
C GLU A 232 4.03 -21.06 -15.94
N ASP A 233 5.23 -20.53 -16.17
CA ASP A 233 6.49 -21.23 -15.98
C ASP A 233 6.94 -21.20 -14.53
N ARG A 234 6.13 -20.62 -13.64
CA ARG A 234 6.35 -20.66 -12.20
C ARG A 234 7.74 -20.16 -11.83
N HIS A 235 8.13 -19.07 -12.44
CA HIS A 235 9.40 -18.45 -12.13
C HIS A 235 9.32 -17.62 -10.86
N GLN A 236 10.48 -17.43 -10.25
CA GLN A 236 10.66 -16.62 -9.07
C GLN A 236 11.36 -15.33 -9.48
N LEU A 237 11.19 -14.29 -8.66
CA LEU A 237 11.90 -13.06 -8.94
C LEU A 237 13.39 -13.25 -8.72
N PRO A 238 14.20 -12.51 -9.46
CA PRO A 238 15.64 -12.57 -9.24
C PRO A 238 16.00 -12.18 -7.82
N ALA A 239 17.12 -12.69 -7.35
CA ALA A 239 17.56 -12.35 -6.00
C ALA A 239 18.04 -10.91 -5.97
N PRO A 240 17.47 -10.02 -5.15
CA PRO A 240 18.03 -8.67 -5.03
C PRO A 240 19.46 -8.66 -4.52
N LYS A 241 20.29 -7.80 -5.13
CA LYS A 241 21.69 -7.53 -4.75
C LYS A 241 21.77 -7.56 -3.27
N ALA A 242 21.22 -6.58 -2.59
CA ALA A 242 21.00 -6.67 -1.14
C ALA A 242 20.15 -7.90 -0.93
N ALA A 243 20.78 -9.04 -0.66
CA ALA A 243 20.20 -10.37 -0.83
C ALA A 243 19.88 -11.00 0.51
N GLU A 244 19.94 -10.23 1.60
CA GLU A 244 19.63 -10.76 2.94
C GLU A 244 18.17 -11.23 3.03
N LEU A 245 17.29 -10.69 2.21
CA LEU A 245 15.87 -11.01 2.28
C LEU A 245 15.38 -11.91 1.14
N ALA A 246 16.26 -12.34 0.22
CA ALA A 246 15.82 -13.14 -0.92
C ALA A 246 15.08 -14.41 -0.51
N ASN A 247 15.61 -15.14 0.46
CA ASN A 247 14.92 -16.35 0.89
C ASN A 247 13.54 -16.05 1.50
N LEU A 248 13.44 -15.02 2.33
CA LEU A 248 12.12 -14.63 2.82
C LEU A 248 11.20 -14.28 1.67
N ILE A 249 11.71 -13.54 0.68
CA ILE A 249 10.90 -13.13 -0.47
C ILE A 249 10.33 -14.37 -1.16
N ASN A 250 11.20 -15.29 -1.51
CA ASN A 250 10.78 -16.54 -2.15
C ASN A 250 9.84 -17.35 -1.26
N ASN A 251 10.10 -17.37 0.05
CA ASN A 251 9.20 -18.07 0.96
C ASN A 251 7.80 -17.46 0.95
N CYS A 252 7.69 -16.14 0.97
CA CYS A 252 6.38 -15.50 0.85
C CYS A 252 5.77 -15.70 -0.53
N MET A 253 6.56 -15.62 -1.59
CA MET A 253 6.05 -15.74 -2.95
C MET A 253 5.99 -17.21 -3.39
N ASP A 254 5.30 -18.01 -2.57
CA ASP A 254 5.12 -19.45 -2.81
C ASP A 254 3.88 -19.66 -3.67
N TYR A 255 4.05 -20.33 -4.80
CA TYR A 255 2.91 -20.56 -5.69
C TYR A 255 1.81 -21.33 -5.01
N GLU A 256 2.10 -21.98 -3.90
CA GLU A 256 1.10 -22.73 -3.16
C GLU A 256 0.59 -21.84 -2.04
N PRO A 257 -0.62 -21.28 -2.12
CA PRO A 257 -1.03 -20.28 -1.14
C PRO A 257 -0.97 -20.80 0.26
N ASP A 258 -1.35 -22.06 0.49
CA ASP A 258 -1.44 -22.59 1.83
C ASP A 258 -0.07 -22.71 2.51
N HIS A 259 1.01 -22.74 1.73
CA HIS A 259 2.37 -22.86 2.26
C HIS A 259 3.01 -21.53 2.59
N ARG A 260 2.43 -20.42 2.19
CA ARG A 260 3.01 -19.13 2.54
C ARG A 260 3.05 -18.97 4.05
N PRO A 261 4.15 -18.52 4.63
CA PRO A 261 4.25 -18.38 6.08
C PRO A 261 3.34 -17.31 6.66
N SER A 262 2.93 -17.55 7.92
CA SER A 262 2.15 -16.57 8.67
C SER A 262 3.01 -15.32 8.93
N PHE A 263 2.35 -14.20 9.18
CA PHE A 263 3.15 -13.03 9.46
C PHE A 263 3.83 -13.14 10.81
N ARG A 264 3.28 -13.92 11.72
CA ARG A 264 4.03 -14.21 12.95
C ARG A 264 5.35 -14.89 12.62
N ALA A 265 5.32 -15.89 11.74
CA ALA A 265 6.56 -16.53 11.29
C ALA A 265 7.47 -15.55 10.55
N ILE A 266 6.89 -14.70 9.69
CA ILE A 266 7.68 -13.73 8.92
C ILE A 266 8.43 -12.80 9.87
N ILE A 267 7.73 -12.31 10.90
CA ILE A 267 8.37 -11.42 11.86
C ILE A 267 9.52 -12.12 12.56
N ARG A 268 9.34 -13.38 12.98
CA ARG A 268 10.45 -14.14 13.57
C ARG A 268 11.65 -14.18 12.62
N ASP A 269 11.40 -14.54 11.40
CA ASP A 269 12.42 -14.50 10.37
C ASP A 269 13.09 -13.16 10.28
N LEU A 270 12.34 -12.10 10.10
CA LEU A 270 12.96 -10.78 10.06
C LEU A 270 13.76 -10.46 11.31
N ASN A 271 13.26 -10.84 12.49
CA ASN A 271 13.98 -10.60 13.77
C ASN A 271 15.18 -11.49 14.01
N SER A 272 15.44 -12.44 13.15
CA SER A 272 16.58 -13.26 13.32
C SER A 272 17.69 -12.81 12.39
N LEU A 273 17.92 -11.52 12.22
CA LEU A 273 18.98 -11.06 11.35
C LEU A 273 19.95 -10.28 12.25
N PHE A 274 21.24 -10.39 11.96
CA PHE A 274 22.26 -9.74 12.72
C PHE A 274 22.02 -8.26 12.86
#